data_4WZ0
#
_entry.id   4WZ0
#
_cell.length_a   75.334
_cell.length_b   90.621
_cell.length_c   40.562
_cell.angle_alpha   90.00
_cell.angle_beta   90.00
_cell.angle_gamma   90.00
#
_symmetry.space_group_name_H-M   'C 2 2 21'
#
loop_
_entity.id
_entity.type
_entity.pdbx_description
1 polymer 'E3 ubiquitin-protein ligase LubX'
2 water water
#
_entity_poly.entity_id   1
_entity_poly.type   'polypeptide(L)'
_entity_poly.pdbx_seq_one_letter_code
;IDHKSKYLREAALEANLSHPETTPT(MSE)LT(CSD)PIDSGFLKDPVITPEGFVYNKSSILKWLETKKEDPQSRKPLTA
KDLQPFPELLIIVNRFVETQTNYEKLKNRLVQNARVA
;
_entity_poly.pdbx_strand_id   A
#
# COMPACT_ATOMS: atom_id res chain seq x y z
N ILE A 1 -6.69 5.97 19.65
CA ILE A 1 -7.25 5.83 18.31
C ILE A 1 -6.83 4.52 17.66
N ASP A 2 -7.81 3.77 17.17
CA ASP A 2 -7.54 2.52 16.45
C ASP A 2 -7.08 2.85 15.03
N HIS A 3 -5.78 3.06 14.87
CA HIS A 3 -5.22 3.45 13.58
C HIS A 3 -5.25 2.32 12.55
N LYS A 4 -5.18 1.08 13.00
CA LYS A 4 -5.26 -0.06 12.10
C LYS A 4 -6.62 -0.13 11.42
N SER A 5 -7.68 -0.03 12.22
CA SER A 5 -9.05 -0.10 11.70
C SER A 5 -9.34 1.08 10.78
N LYS A 6 -8.88 2.27 11.18
CA LYS A 6 -9.10 3.47 10.37
C LYS A 6 -8.36 3.38 9.04
N TYR A 7 -7.14 2.86 9.07
CA TYR A 7 -6.35 2.72 7.85
C TYR A 7 -6.97 1.68 6.92
N LEU A 8 -7.43 0.58 7.49
CA LEU A 8 -8.01 -0.51 6.71
C LEU A 8 -9.26 -0.07 5.95
N ARG A 9 -10.16 0.63 6.62
CA ARG A 9 -11.41 1.05 6.01
C ARG A 9 -11.20 2.16 4.98
N GLU A 10 -10.20 3.00 5.21
CA GLU A 10 -9.89 4.08 4.29
C GLU A 10 -9.17 3.56 3.05
N ALA A 11 -8.24 2.64 3.24
CA ALA A 11 -7.51 2.04 2.13
C ALA A 11 -8.42 1.18 1.27
N ALA A 12 -9.38 0.52 1.91
CA ALA A 12 -10.34 -0.32 1.20
C ALA A 12 -11.25 0.51 0.32
N LEU A 13 -11.74 1.63 0.85
CA LEU A 13 -12.61 2.52 0.10
C LEU A 13 -11.88 3.11 -1.10
N GLU A 14 -10.64 3.54 -0.89
CA GLU A 14 -9.84 4.12 -1.96
C GLU A 14 -9.58 3.08 -3.05
N ALA A 15 -9.40 1.84 -2.65
CA ALA A 15 -9.18 0.74 -3.59
C ALA A 15 -10.39 0.51 -4.48
N ASN A 16 -11.56 0.47 -3.87
CA ASN A 16 -12.78 0.33 -4.60
C ASN A 16 -13.14 1.50 -5.51
N LEU A 17 -12.76 2.71 -5.15
CA LEU A 17 -12.99 3.90 -5.95
C LEU A 17 -11.93 4.03 -7.04
N SER A 18 -10.86 3.26 -6.92
CA SER A 18 -9.79 3.28 -7.90
C SER A 18 -10.03 2.24 -8.99
N HIS A 19 -9.77 2.64 -10.24
CA HIS A 19 -9.86 1.72 -11.37
C HIS A 19 -8.83 0.62 -11.17
N PRO A 20 -9.18 -0.61 -11.59
CA PRO A 20 -8.29 -1.78 -11.47
C PRO A 20 -6.86 -1.52 -11.95
N GLU A 21 -6.69 -0.66 -12.94
CA GLU A 21 -5.37 -0.34 -13.46
C GLU A 21 -4.66 0.72 -12.61
N THR A 22 -5.43 1.53 -11.91
CA THR A 22 -4.89 2.59 -11.08
C THR A 22 -4.21 2.00 -9.85
N THR A 23 -3.25 2.72 -9.28
CA THR A 23 -2.55 2.26 -8.09
C THR A 23 -2.89 3.13 -6.87
N PRO A 24 -3.69 2.60 -5.94
CA PRO A 24 -4.14 3.32 -4.75
C PRO A 24 -2.98 3.75 -3.86
N THR A 25 -2.97 5.03 -3.48
CA THR A 25 -1.88 5.58 -2.69
C THR A 25 -1.67 4.89 -1.35
N LEU A 27 -2.15 1.97 -0.56
CA LEU A 27 -1.63 0.62 -0.73
C LEU A 27 -0.17 0.65 -1.16
N THR A 28 0.43 1.84 -1.19
CA THR A 28 1.80 1.99 -1.63
C THR A 28 2.73 2.50 -0.54
N PRO A 30 5.07 5.05 1.07
CA PRO A 30 5.20 6.51 1.05
C PRO A 30 6.55 7.04 0.57
N ILE A 31 7.64 6.36 0.90
CA ILE A 31 8.97 6.88 0.60
C ILE A 31 9.65 6.21 -0.59
N ASP A 32 9.01 5.19 -1.15
CA ASP A 32 9.59 4.47 -2.30
C ASP A 32 8.59 4.27 -3.43
N SER A 33 7.33 4.61 -3.17
CA SER A 33 6.27 4.60 -4.18
C SER A 33 6.04 3.23 -4.84
N GLY A 34 6.19 2.17 -4.06
CA GLY A 34 5.91 0.83 -4.53
C GLY A 34 4.84 0.17 -3.68
N PHE A 35 4.27 -0.92 -4.19
CA PHE A 35 3.27 -1.67 -3.44
C PHE A 35 3.83 -2.18 -2.12
N LEU A 36 3.02 -2.12 -1.07
CA LEU A 36 3.44 -2.59 0.25
C LEU A 36 3.65 -4.10 0.26
N LYS A 37 4.82 -4.53 0.74
CA LYS A 37 5.16 -5.95 0.79
C LYS A 37 5.07 -6.47 2.22
N ASP A 38 5.68 -5.74 3.15
CA ASP A 38 5.65 -6.11 4.57
C ASP A 38 5.34 -4.87 5.40
N PRO A 39 4.07 -4.45 5.40
CA PRO A 39 3.66 -3.17 6.01
C PRO A 39 3.74 -3.17 7.53
N VAL A 40 4.15 -2.04 8.09
CA VAL A 40 4.13 -1.81 9.52
C VAL A 40 3.44 -0.47 9.78
N ILE A 41 2.83 -0.32 10.95
CA ILE A 41 2.13 0.92 11.26
C ILE A 41 2.73 1.64 12.47
N THR A 42 2.75 2.97 12.40
CA THR A 42 3.31 3.80 13.46
C THR A 42 2.20 4.25 14.41
N PRO A 43 2.57 4.72 15.61
CA PRO A 43 1.57 5.27 16.54
C PRO A 43 0.81 6.47 15.96
N GLU A 44 1.37 7.11 14.94
CA GLU A 44 0.69 8.22 14.27
C GLU A 44 -0.34 7.72 13.27
N GLY A 45 -0.22 6.45 12.89
CA GLY A 45 -1.14 5.85 11.94
C GLY A 45 -0.58 5.78 10.54
N PHE A 46 0.72 6.07 10.41
CA PHE A 46 1.39 6.01 9.11
C PHE A 46 1.88 4.59 8.82
N VAL A 47 1.88 4.21 7.55
CA VAL A 47 2.23 2.84 7.17
C VAL A 47 3.37 2.81 6.14
N TYR A 48 4.39 2.01 6.43
CA TYR A 48 5.53 1.85 5.53
C TYR A 48 5.88 0.38 5.40
N ASN A 49 6.69 0.05 4.39
CA ASN A 49 7.32 -1.26 4.34
C ASN A 49 8.37 -1.33 5.43
N LYS A 50 8.52 -2.51 6.04
CA LYS A 50 9.43 -2.68 7.17
C LYS A 50 10.85 -2.30 6.82
N SER A 51 11.36 -2.84 5.72
CA SER A 51 12.75 -2.61 5.32
C SER A 51 13.01 -1.14 4.97
N SER A 52 12.02 -0.48 4.39
CA SER A 52 12.17 0.90 3.94
C SER A 52 12.23 1.88 5.10
N ILE A 53 11.33 1.72 6.06
CA ILE A 53 11.29 2.62 7.22
C ILE A 53 12.48 2.39 8.15
N LEU A 54 12.94 1.15 8.25
CA LEU A 54 14.09 0.83 9.07
C LEU A 54 15.37 1.45 8.51
N LYS A 55 15.49 1.46 7.18
CA LYS A 55 16.63 2.07 6.53
C LYS A 55 16.64 3.57 6.75
N TRP A 56 15.44 4.15 6.86
CA TRP A 56 15.29 5.57 7.12
C TRP A 56 15.68 5.89 8.57
N LEU A 57 15.33 5.01 9.49
CA LEU A 57 15.61 5.23 10.91
C LEU A 57 17.09 5.12 11.24
N GLU A 58 17.86 4.52 10.33
CA GLU A 58 19.31 4.42 10.50
C GLU A 58 19.97 5.79 10.46
N THR A 59 19.49 6.64 9.56
CA THR A 59 20.03 7.98 9.39
C THR A 59 19.36 8.98 10.33
N LYS A 60 18.03 8.98 10.33
CA LYS A 60 17.26 9.93 11.13
C LYS A 60 16.17 9.23 11.93
N LYS A 61 16.15 9.45 13.24
CA LYS A 61 15.17 8.82 14.11
C LYS A 61 13.89 9.63 14.20
N GLU A 62 13.27 9.87 13.06
CA GLU A 62 12.00 10.60 12.99
C GLU A 62 11.17 10.12 11.81
N ASP A 63 9.87 10.34 11.88
CA ASP A 63 8.96 9.93 10.80
C ASP A 63 9.23 10.73 9.54
N PRO A 64 9.32 10.07 8.40
CA PRO A 64 9.59 10.73 7.14
C PRO A 64 8.53 11.71 6.67
N GLN A 65 7.36 11.64 7.23
CA GLN A 65 6.26 12.49 6.79
C GLN A 65 5.95 13.65 7.75
N SER A 66 6.07 13.39 9.05
CA SER A 66 5.72 14.40 10.05
C SER A 66 6.94 14.94 10.80
N ARG A 67 8.09 14.31 10.57
CA ARG A 67 9.34 14.67 11.25
CA ARG A 67 9.34 14.68 11.25
C ARG A 67 9.22 14.64 12.78
N LYS A 68 8.31 13.81 13.28
CA LYS A 68 8.14 13.62 14.71
C LYS A 68 8.96 12.41 15.15
N PRO A 69 9.43 12.40 16.41
CA PRO A 69 10.26 11.33 16.95
C PRO A 69 9.70 9.93 16.68
N LEU A 70 10.54 9.05 16.14
CA LEU A 70 10.12 7.71 15.79
C LEU A 70 11.27 6.72 15.93
N THR A 71 11.00 5.57 16.53
CA THR A 71 12.00 4.52 16.70
C THR A 71 11.47 3.19 16.16
N ALA A 72 12.36 2.22 16.02
CA ALA A 72 12.00 0.90 15.52
C ALA A 72 11.02 0.19 16.46
N LYS A 73 11.02 0.53 17.71
CA LYS A 73 10.11 -0.10 18.61
C LYS A 73 8.67 0.36 18.39
N ASP A 74 8.48 1.55 17.88
CA ASP A 74 7.14 2.05 17.59
C ASP A 74 6.50 1.38 16.37
N LEU A 75 7.27 0.55 15.67
CA LEU A 75 6.79 -0.10 14.46
C LEU A 75 6.04 -1.40 14.77
N GLN A 76 4.73 -1.38 14.56
CA GLN A 76 3.90 -2.57 14.79
CA GLN A 76 3.91 -2.56 14.79
C GLN A 76 3.54 -3.23 13.47
N PRO A 77 3.72 -4.56 13.39
CA PRO A 77 3.38 -5.32 12.18
C PRO A 77 1.93 -5.12 11.77
N PHE A 78 1.69 -4.97 10.47
CA PHE A 78 0.36 -4.72 9.94
C PHE A 78 0.02 -5.71 8.83
N PRO A 79 -0.01 -7.02 9.14
CA PRO A 79 -0.20 -8.01 8.09
C PRO A 79 -1.61 -8.02 7.52
N GLU A 80 -2.57 -7.50 8.27
CA GLU A 80 -3.97 -7.47 7.83
C GLU A 80 -4.15 -6.64 6.57
N LEU A 81 -3.30 -5.63 6.41
CA LEU A 81 -3.36 -4.75 5.25
C LEU A 81 -3.00 -5.51 3.97
N LEU A 82 -2.16 -6.54 4.12
CA LEU A 82 -1.73 -7.34 2.97
C LEU A 82 -2.89 -8.03 2.27
N ILE A 83 -3.96 -8.29 3.03
CA ILE A 83 -5.16 -8.88 2.45
C ILE A 83 -5.74 -7.93 1.40
N ILE A 84 -5.87 -6.65 1.75
CA ILE A 84 -6.39 -5.66 0.83
C ILE A 84 -5.42 -5.44 -0.34
N VAL A 85 -4.13 -5.42 -0.05
CA VAL A 85 -3.12 -5.24 -1.08
C VAL A 85 -3.11 -6.39 -2.08
N ASN A 86 -3.06 -7.61 -1.57
CA ASN A 86 -3.04 -8.79 -2.42
C ASN A 86 -4.28 -8.93 -3.31
N ARG A 87 -5.42 -8.60 -2.77
CA ARG A 87 -6.61 -8.73 -3.55
C ARG A 87 -6.59 -7.72 -4.73
N PHE A 88 -6.15 -6.51 -4.52
CA PHE A 88 -6.11 -5.50 -5.58
C PHE A 88 -5.12 -5.86 -6.67
N VAL A 89 -3.92 -6.29 -6.26
CA VAL A 89 -2.86 -6.65 -7.21
C VAL A 89 -3.29 -7.81 -8.09
N GLU A 90 -3.89 -8.83 -7.50
CA GLU A 90 -4.38 -9.98 -8.26
C GLU A 90 -5.52 -9.58 -9.19
N THR A 91 -6.38 -8.67 -8.73
CA THR A 91 -7.48 -8.17 -9.54
C THR A 91 -6.96 -7.34 -10.70
N GLN A 92 -5.96 -6.51 -10.41
CA GLN A 92 -5.32 -5.66 -11.42
C GLN A 92 -4.72 -6.50 -12.56
N THR A 93 -4.01 -7.55 -12.21
CA THR A 93 -3.40 -8.44 -13.19
C THR A 93 -4.45 -9.13 -14.05
N ASN A 94 -5.50 -9.62 -13.42
CA ASN A 94 -6.57 -10.31 -14.12
CA ASN A 94 -6.58 -10.31 -14.12
C ASN A 94 -7.37 -9.39 -15.04
N TYR A 95 -7.51 -8.11 -14.64
CA TYR A 95 -8.23 -7.16 -15.44
C TYR A 95 -7.41 -6.69 -16.63
N GLU A 96 -6.10 -6.58 -16.45
CA GLU A 96 -5.20 -6.20 -17.53
C GLU A 96 -5.18 -7.26 -18.62
N LYS A 97 -5.35 -8.52 -18.20
CA LYS A 97 -5.41 -9.63 -19.14
C LYS A 97 -6.71 -9.60 -19.92
N LEU A 98 -7.80 -9.27 -19.22
CA LEU A 98 -9.12 -9.15 -19.85
C LEU A 98 -9.16 -7.99 -20.82
N LYS A 99 -8.68 -6.83 -20.37
CA LYS A 99 -8.69 -5.62 -21.19
C LYS A 99 -7.90 -5.81 -22.47
N ASN A 100 -6.72 -6.42 -22.37
CA ASN A 100 -5.87 -6.66 -23.52
CA ASN A 100 -5.86 -6.67 -23.51
C ASN A 100 -6.52 -7.60 -24.54
N ARG A 101 -7.19 -8.64 -24.04
CA ARG A 101 -7.86 -9.59 -24.92
C ARG A 101 -9.02 -8.94 -25.67
N LEU A 102 -9.79 -8.11 -24.97
CA LEU A 102 -10.93 -7.43 -25.57
C LEU A 102 -10.48 -6.44 -26.64
N VAL A 103 -9.41 -5.71 -26.35
CA VAL A 103 -8.88 -4.73 -27.29
C VAL A 103 -8.32 -5.40 -28.54
N GLN A 104 -7.51 -6.44 -28.35
CA GLN A 104 -6.90 -7.16 -29.46
C GLN A 104 -7.93 -7.81 -30.37
N ASN A 105 -8.95 -8.41 -29.76
CA ASN A 105 -10.01 -9.06 -30.54
C ASN A 105 -10.81 -8.07 -31.38
N ALA A 106 -10.96 -6.85 -30.87
CA ALA A 106 -11.71 -5.81 -31.58
C ALA A 106 -10.92 -5.22 -32.73
N ARG A 107 -9.59 -5.38 -32.68
CA ARG A 107 -8.71 -4.85 -33.73
C ARG A 107 -8.86 -5.63 -35.03
N VAL A 108 -9.11 -6.93 -34.91
CA VAL A 108 -9.14 -7.81 -36.08
C VAL A 108 -10.56 -8.24 -36.45
N ALA A 109 -11.51 -8.01 -35.55
CA ALA A 109 -12.90 -8.40 -35.78
C ALA A 109 -13.53 -7.58 -36.92
#